data_1Q8U
#
_entry.id   1Q8U
#
_cell.length_a   74.220
_cell.length_b   76.422
_cell.length_c   81.790
_cell.angle_alpha   90.00
_cell.angle_beta   90.00
_cell.angle_gamma   90.00
#
_symmetry.space_group_name_H-M   'P 21 21 21'
#
loop_
_entity.id
_entity.type
_entity.pdbx_description
1 polymer 'cAMP-dependent protein kinase, alpha-catalytic subunit'
2 polymer 'cAMP-dependent protein kinase inhibitor, alpha form'
3 non-polymer (S)-2-METHYL-1-[(4-METHYL-5-ISOQUINOLINE)SULFONYL]-HOMOPIPERAZINE
4 non-polymer N-OCTANOYL-N-METHYLGLUCAMINE
5 water water
#
loop_
_entity_poly.entity_id
_entity_poly.type
_entity_poly.pdbx_seq_one_letter_code
_entity_poly.pdbx_strand_id
1 'polypeptide(L)'
;GNAAAAKKG(SEP)EQESVKEFLAKAKEDFLKKWENPAQNTAHLDQFERIKTLGTGSFGRVMLVKHMETGNHYAMKILDK
QKVVKLKQIEHTLNEKRILQAVNFPFLVKLEFSFKDNSNLYMVMEYVPGGEMFSHLRRIGRFSEPHARFYAAQIVLTFEY
LHSLDLIYRDLKPENLLIDQQGYIQVTDFGFAKRVKGRTW(TPO)LCGTPEYLAPEIILSKGYNKAVDWWALGVLIYEMA
AGYPPFFADQPIQIYEKIVSGKVRFPSHFSSDLKDLLRNLLQVDLTKRFGNLKNGVNDIKNHKWFATTDWIAIYQRKVEA
PFIPKFKGPGDTSNFDDYEEEEIRV(SEP)INEKCGKEFSEF
;
A
2 'polypeptide(L)' TTYADFIASGRTGRRNAIHD B
#
loop_
_chem_comp.id
_chem_comp.type
_chem_comp.name
_chem_comp.formula
H52 non-polymer (S)-2-METHYL-1-[(4-METHYL-5-ISOQUINOLINE)SULFONYL]-HOMOPIPERAZINE 'C16 H21 N3 O2 S'
MG8 non-polymer N-OCTANOYL-N-METHYLGLUCAMINE 'C15 H31 N O6'
#
# COMPACT_ATOMS: atom_id res chain seq x y z
N LYS A 7 4.77 -24.58 -16.47
CA LYS A 7 6.24 -24.72 -16.70
C LYS A 7 7.05 -24.33 -15.45
N LYS A 8 7.71 -25.30 -14.83
CA LYS A 8 8.76 -25.04 -13.84
C LYS A 8 10.11 -25.13 -14.55
N GLY A 9 10.95 -24.13 -14.32
CA GLY A 9 12.30 -24.12 -14.84
C GLY A 9 13.28 -23.60 -13.79
N SEP A 10 14.49 -23.27 -14.25
CA SEP A 10 15.52 -22.76 -13.37
CB SEP A 10 16.83 -22.51 -14.15
OG SEP A 10 17.43 -23.75 -14.40
C SEP A 10 15.11 -21.46 -12.71
O SEP A 10 15.41 -21.25 -11.55
P SEP A 10 18.82 -23.69 -15.24
O1P SEP A 10 18.56 -22.80 -16.55
O2P SEP A 10 19.13 -25.26 -15.51
O3P SEP A 10 19.88 -22.93 -14.32
N GLU A 11 14.47 -20.58 -13.46
CA GLU A 11 14.04 -19.27 -12.95
C GLU A 11 13.11 -19.42 -11.75
N GLN A 12 12.14 -20.32 -11.88
CA GLN A 12 11.16 -20.57 -10.83
C GLN A 12 11.83 -21.17 -9.60
N GLU A 13 12.86 -22.01 -9.78
CA GLU A 13 13.59 -22.58 -8.64
C GLU A 13 14.37 -21.49 -7.90
N SER A 14 14.97 -20.53 -8.62
CA SER A 14 15.72 -19.42 -8.00
C SER A 14 14.82 -18.52 -7.13
N VAL A 15 13.61 -18.25 -7.61
CA VAL A 15 12.59 -17.52 -6.85
C VAL A 15 12.21 -18.27 -5.54
N LYS A 16 11.98 -19.57 -5.66
CA LYS A 16 11.65 -20.40 -4.52
C LYS A 16 12.75 -20.32 -3.46
N GLU A 17 14.02 -20.33 -3.88
CA GLU A 17 15.14 -20.31 -2.94
C GLU A 17 15.25 -18.96 -2.28
N PHE A 18 15.07 -17.90 -3.07
CA PHE A 18 15.08 -16.55 -2.52
C PHE A 18 13.99 -16.39 -1.43
N LEU A 19 12.77 -16.86 -1.72
CA LEU A 19 11.65 -16.71 -0.79
C LEU A 19 11.84 -17.53 0.49
N ALA A 20 12.49 -18.70 0.38
CA ALA A 20 12.78 -19.55 1.55
C ALA A 20 13.70 -18.83 2.53
N LYS A 21 14.74 -18.20 2.01
CA LYS A 21 15.70 -17.46 2.84
C LYS A 21 15.07 -16.18 3.42
N ALA A 22 14.25 -15.49 2.62
CA ALA A 22 13.51 -14.32 3.09
C ALA A 22 12.58 -14.65 4.25
N LYS A 23 11.91 -15.80 4.18
CA LYS A 23 11.05 -16.24 5.28
C LYS A 23 11.80 -16.47 6.58
N GLU A 24 12.99 -17.07 6.51
CA GLU A 24 13.82 -17.29 7.69
C GLU A 24 14.17 -15.94 8.35
N ASP A 25 14.58 -14.98 7.54
CA ASP A 25 14.92 -13.66 8.02
C ASP A 25 13.76 -12.95 8.73
N PHE A 26 12.61 -12.98 8.07
CA PHE A 26 11.38 -12.43 8.60
C PHE A 26 11.00 -13.04 9.92
N LEU A 27 11.04 -14.36 10.02
CA LEU A 27 10.59 -15.00 11.23
C LEU A 27 11.45 -14.63 12.43
N LYS A 28 12.76 -14.42 12.24
CA LYS A 28 13.60 -14.06 13.39
C LYS A 28 13.16 -12.70 13.98
N LYS A 29 12.78 -11.77 13.11
CA LYS A 29 12.35 -10.45 13.56
C LYS A 29 10.90 -10.45 14.06
N TRP A 30 10.06 -11.25 13.41
CA TRP A 30 8.67 -11.47 13.86
C TRP A 30 8.61 -11.98 15.30
N GLU A 31 9.48 -12.93 15.65
CA GLU A 31 9.47 -13.50 17.00
C GLU A 31 10.19 -12.65 18.04
N ASN A 32 11.05 -11.75 17.61
CA ASN A 32 11.76 -10.89 18.54
C ASN A 32 11.75 -9.43 18.08
N PRO A 33 10.62 -8.74 18.16
CA PRO A 33 10.50 -7.42 17.54
C PRO A 33 11.34 -6.33 18.23
N ALA A 34 11.89 -5.41 17.44
CA ALA A 34 12.55 -4.24 18.01
C ALA A 34 11.54 -3.27 18.66
N GLN A 35 11.91 -2.67 19.79
CA GLN A 35 11.11 -1.71 20.57
C GLN A 35 11.97 -0.57 21.11
N ASN A 36 11.39 0.63 21.14
CA ASN A 36 12.04 1.78 21.81
C ASN A 36 13.47 2.06 21.32
N THR A 37 13.63 2.26 20.03
CA THR A 37 14.96 2.43 19.45
C THR A 37 15.35 3.91 19.19
N ALA A 38 14.52 4.85 19.60
CA ALA A 38 14.87 6.28 19.59
C ALA A 38 13.94 7.02 20.56
N HIS A 39 14.03 8.35 20.59
CA HIS A 39 13.24 9.21 21.48
C HIS A 39 12.91 10.49 20.69
N LEU A 40 11.82 11.15 21.04
CA LEU A 40 11.30 12.30 20.28
C LEU A 40 12.30 13.44 20.17
N ASP A 41 13.03 13.68 21.25
CA ASP A 41 13.89 14.86 21.25
C ASP A 41 15.20 14.69 20.48
N GLN A 42 15.41 13.50 19.90
CA GLN A 42 16.44 13.27 18.88
C GLN A 42 16.09 13.82 17.50
N PHE A 43 14.90 14.38 17.34
CA PHE A 43 14.41 14.78 16.03
C PHE A 43 13.96 16.22 16.04
N GLU A 44 14.32 16.94 14.98
CA GLU A 44 13.78 18.27 14.71
C GLU A 44 12.61 18.10 13.76
N ARG A 45 11.46 18.66 14.11
CA ARG A 45 10.26 18.58 13.29
C ARG A 45 10.21 19.79 12.34
N ILE A 46 9.99 19.52 11.06
CA ILE A 46 10.08 20.53 10.00
C ILE A 46 8.72 20.88 9.41
N LYS A 47 8.01 19.90 8.86
CA LYS A 47 6.76 20.16 8.13
C LYS A 47 5.83 18.92 8.09
N THR A 48 4.52 19.14 8.09
CA THR A 48 3.56 18.06 7.96
C THR A 48 3.43 17.70 6.49
N LEU A 49 3.54 16.39 6.19
CA LEU A 49 3.52 15.88 4.82
C LEU A 49 2.19 15.19 4.46
N GLY A 50 1.41 14.85 5.48
CA GLY A 50 0.18 14.07 5.30
C GLY A 50 -0.57 13.86 6.61
N THR A 51 -1.86 13.58 6.53
CA THR A 51 -2.67 13.32 7.73
C THR A 51 -3.49 12.07 7.57
N GLY A 52 -4.03 11.65 8.73
CA GLY A 52 -5.08 10.65 8.79
C GLY A 52 -5.96 10.81 10.00
N SER A 53 -6.69 9.73 10.32
CA SER A 53 -7.64 9.73 11.44
C SER A 53 -6.96 9.57 12.81
N PHE A 54 -5.77 8.96 12.86
CA PHE A 54 -5.09 8.66 14.13
C PHE A 54 -4.07 9.71 14.48
N GLY A 55 -3.55 10.35 13.45
CA GLY A 55 -2.66 11.50 13.60
C GLY A 55 -2.05 11.84 12.24
N ARG A 56 -0.80 12.23 12.26
CA ARG A 56 -0.18 12.83 11.09
C ARG A 56 1.20 12.25 10.77
N VAL A 57 1.70 12.58 9.58
CA VAL A 57 3.07 12.26 9.18
C VAL A 57 3.82 13.57 8.95
N MET A 58 4.99 13.69 9.57
CA MET A 58 5.83 14.89 9.52
C MET A 58 7.20 14.56 8.96
N LEU A 59 7.77 15.46 8.16
CA LEU A 59 9.19 15.41 7.82
C LEU A 59 9.95 15.84 9.06
N VAL A 60 10.94 15.03 9.44
CA VAL A 60 11.82 15.35 10.56
C VAL A 60 13.30 15.15 10.17
N LYS A 61 14.19 15.81 10.93
CA LYS A 61 15.62 15.62 10.78
C LYS A 61 16.19 14.99 12.04
N HIS A 62 16.93 13.90 11.87
CA HIS A 62 17.64 13.24 12.95
C HIS A 62 18.88 14.08 13.28
N MET A 63 18.93 14.63 14.49
CA MET A 63 19.93 15.62 14.87
C MET A 63 21.37 15.09 14.88
N GLU A 64 21.53 13.81 15.23
CA GLU A 64 22.85 13.18 15.33
C GLU A 64 23.49 12.76 13.98
N THR A 65 22.67 12.42 12.99
CA THR A 65 23.18 12.06 11.67
C THR A 65 22.94 13.10 10.57
N GLY A 66 21.97 14.00 10.80
CA GLY A 66 21.49 14.91 9.78
C GLY A 66 20.62 14.29 8.68
N ASN A 67 20.25 13.03 8.85
CA ASN A 67 19.37 12.37 7.87
C ASN A 67 17.92 12.86 8.07
N HIS A 68 17.21 13.04 6.96
CA HIS A 68 15.77 13.26 6.99
C HIS A 68 14.98 11.93 6.98
N TYR A 69 13.82 11.95 7.66
CA TYR A 69 12.91 10.79 7.80
C TYR A 69 11.46 11.31 7.85
N ALA A 70 10.51 10.42 7.57
CA ALA A 70 9.09 10.71 7.71
C ALA A 70 8.62 10.03 8.97
N MET A 71 8.03 10.80 9.90
CA MET A 71 7.63 10.29 11.20
C MET A 71 6.13 10.24 11.27
N LYS A 72 5.58 9.03 11.42
CA LYS A 72 4.14 8.87 11.62
C LYS A 72 3.83 8.92 13.10
N ILE A 73 2.86 9.77 13.47
CA ILE A 73 2.49 9.96 14.89
C ILE A 73 1.03 9.51 15.09
N LEU A 74 0.78 8.63 16.05
CA LEU A 74 -0.58 8.11 16.31
C LEU A 74 -0.91 8.46 17.74
N ASP A 75 -2.06 9.09 17.92
CA ASP A 75 -2.56 9.46 19.25
C ASP A 75 -3.22 8.21 19.85
N LYS A 76 -2.63 7.68 20.92
CA LYS A 76 -3.11 6.44 21.56
C LYS A 76 -4.61 6.44 21.91
N GLN A 77 -5.13 7.55 22.44
CA GLN A 77 -6.56 7.65 22.78
C GLN A 77 -7.47 7.56 21.54
N LYS A 78 -7.06 8.19 20.44
CA LYS A 78 -7.86 8.15 19.22
C LYS A 78 -7.86 6.71 18.67
N VAL A 79 -6.72 6.01 18.73
CA VAL A 79 -6.64 4.60 18.29
C VAL A 79 -7.60 3.68 19.07
N VAL A 80 -7.66 3.83 20.38
CA VAL A 80 -8.65 3.14 21.23
C VAL A 80 -10.08 3.50 20.86
N LYS A 81 -10.36 4.78 20.67
CA LYS A 81 -11.74 5.21 20.39
C LYS A 81 -12.25 4.61 19.11
N LEU A 82 -11.37 4.46 18.12
CA LEU A 82 -11.76 3.91 16.82
C LEU A 82 -11.60 2.39 16.70
N LYS A 83 -11.26 1.74 17.81
CA LYS A 83 -11.09 0.28 17.92
C LYS A 83 -10.02 -0.25 16.98
N GLN A 84 -8.88 0.44 16.91
CA GLN A 84 -7.80 0.05 15.99
C GLN A 84 -6.56 -0.41 16.73
N ILE A 85 -6.72 -0.85 17.98
CA ILE A 85 -5.59 -1.27 18.80
C ILE A 85 -4.87 -2.42 18.12
N GLU A 86 -5.62 -3.45 17.77
CA GLU A 86 -5.00 -4.66 17.24
C GLU A 86 -4.37 -4.41 15.89
N HIS A 87 -5.04 -3.63 15.05
CA HIS A 87 -4.48 -3.28 13.73
C HIS A 87 -3.19 -2.50 13.81
N THR A 88 -3.11 -1.60 14.79
CA THR A 88 -1.87 -0.84 15.02
C THR A 88 -0.71 -1.70 15.53
N LEU A 89 -1.00 -2.66 16.40
CA LEU A 89 -0.01 -3.64 16.81
C LEU A 89 0.46 -4.52 15.65
N ASN A 90 -0.48 -5.02 14.82
CA ASN A 90 -0.11 -5.70 13.58
C ASN A 90 0.82 -4.88 12.70
N GLU A 91 0.47 -3.60 12.48
CA GLU A 91 1.23 -2.72 11.55
C GLU A 91 2.70 -2.64 11.95
N LYS A 92 2.94 -2.33 13.21
CA LYS A 92 4.31 -2.17 13.65
C LYS A 92 5.13 -3.47 13.69
N ARG A 93 4.55 -4.56 14.18
CA ARG A 93 5.22 -5.84 14.27
C ARG A 93 5.56 -6.38 12.86
N ILE A 94 4.66 -6.20 11.90
CA ILE A 94 4.93 -6.61 10.51
C ILE A 94 5.97 -5.70 9.86
N LEU A 95 5.81 -4.38 9.97
CA LEU A 95 6.71 -3.47 9.27
C LEU A 95 8.18 -3.57 9.74
N GLN A 96 8.39 -3.83 11.02
CA GLN A 96 9.77 -3.97 11.51
C GLN A 96 10.42 -5.29 11.04
N ALA A 97 9.62 -6.25 10.58
CA ALA A 97 10.15 -7.57 10.19
C ALA A 97 10.41 -7.76 8.68
N VAL A 98 9.76 -6.98 7.83
CA VAL A 98 9.87 -7.17 6.36
C VAL A 98 11.11 -6.47 5.76
N ASN A 99 11.48 -6.86 4.55
CA ASN A 99 12.65 -6.30 3.87
C ASN A 99 12.52 -6.61 2.39
N PHE A 100 12.17 -5.59 1.61
CA PHE A 100 11.95 -5.78 0.17
C PHE A 100 12.15 -4.42 -0.51
N PRO A 101 12.65 -4.41 -1.74
CA PRO A 101 12.95 -3.13 -2.43
C PRO A 101 11.77 -2.18 -2.63
N PHE A 102 10.54 -2.65 -2.70
CA PHE A 102 9.37 -1.81 -2.93
C PHE A 102 8.48 -1.58 -1.69
N LEU A 103 9.02 -1.87 -0.50
CA LEU A 103 8.36 -1.57 0.77
C LEU A 103 9.16 -0.49 1.52
N VAL A 104 8.46 0.47 2.11
CA VAL A 104 9.16 1.53 2.84
C VAL A 104 9.82 0.93 4.10
N LYS A 105 11.03 1.41 4.41
CA LYS A 105 11.83 0.87 5.50
C LYS A 105 11.45 1.62 6.80
N LEU A 106 11.12 0.86 7.84
CA LEU A 106 10.94 1.41 9.18
C LEU A 106 12.29 1.48 9.87
N GLU A 107 12.74 2.68 10.21
CA GLU A 107 14.08 2.86 10.81
C GLU A 107 14.06 2.87 12.33
N PHE A 108 13.04 3.51 12.93
CA PHE A 108 12.91 3.58 14.39
C PHE A 108 11.46 3.54 14.84
N SER A 109 11.24 3.10 16.06
CA SER A 109 9.90 3.20 16.66
C SER A 109 10.05 3.40 18.16
N PHE A 110 9.10 4.12 18.74
CA PHE A 110 9.07 4.42 20.16
C PHE A 110 7.68 4.96 20.53
N LYS A 111 7.44 5.15 21.82
CA LYS A 111 6.18 5.70 22.33
C LYS A 111 6.42 6.55 23.58
N ASP A 112 5.48 7.43 23.88
CA ASP A 112 5.55 8.24 25.09
C ASP A 112 4.18 8.22 25.78
N ASN A 113 3.96 9.14 26.72
CA ASN A 113 2.72 9.12 27.49
C ASN A 113 1.47 9.17 26.59
N SER A 114 1.55 9.90 25.47
CA SER A 114 0.39 10.19 24.62
C SER A 114 0.37 9.48 23.25
N ASN A 115 1.53 9.32 22.64
CA ASN A 115 1.59 8.96 21.22
C ASN A 115 2.44 7.74 20.93
N LEU A 116 2.19 7.14 19.75
CA LEU A 116 3.03 6.11 19.16
C LEU A 116 3.75 6.74 17.97
N TYR A 117 5.01 6.39 17.74
CA TYR A 117 5.79 6.99 16.68
C TYR A 117 6.47 5.93 15.83
N MET A 118 6.41 6.09 14.53
CA MET A 118 7.09 5.20 13.60
C MET A 118 7.86 6.10 12.64
N VAL A 119 9.17 5.91 12.57
CA VAL A 119 10.06 6.75 11.80
C VAL A 119 10.52 5.92 10.59
N MET A 120 10.17 6.38 9.41
CA MET A 120 10.42 5.66 8.16
C MET A 120 11.34 6.45 7.28
N GLU A 121 11.86 5.81 6.25
CA GLU A 121 12.64 6.47 5.23
C GLU A 121 11.75 7.53 4.56
N TYR A 122 12.31 8.70 4.28
CA TYR A 122 11.61 9.75 3.53
C TYR A 122 11.67 9.44 2.02
N VAL A 123 10.49 9.32 1.39
CA VAL A 123 10.37 9.04 -0.06
C VAL A 123 9.87 10.34 -0.71
N PRO A 124 10.76 11.03 -1.42
CA PRO A 124 10.50 12.44 -1.81
C PRO A 124 9.66 12.67 -3.10
N GLY A 125 9.39 11.65 -3.90
CA GLY A 125 8.76 11.86 -5.21
C GLY A 125 7.27 12.14 -5.15
N GLY A 126 6.64 12.00 -3.99
CA GLY A 126 5.19 12.19 -3.85
C GLY A 126 4.34 10.92 -4.06
N GLU A 127 3.04 11.03 -3.81
CA GLU A 127 2.09 9.94 -3.97
C GLU A 127 1.82 9.70 -5.44
N MET A 128 1.66 8.44 -5.85
CA MET A 128 1.29 8.16 -7.24
C MET A 128 -0.04 8.87 -7.50
N PHE A 129 -0.94 8.88 -6.51
CA PHE A 129 -2.24 9.55 -6.57
C PHE A 129 -2.16 10.97 -7.23
N SER A 130 -1.24 11.80 -6.73
CA SER A 130 -1.05 13.17 -7.21
C SER A 130 -0.68 13.24 -8.69
N HIS A 131 0.29 12.43 -9.06
CA HIS A 131 0.76 12.40 -10.43
C HIS A 131 -0.30 11.85 -11.39
N LEU A 132 -1.03 10.80 -10.99
CA LEU A 132 -2.14 10.29 -11.75
C LEU A 132 -3.29 11.29 -11.98
N ARG A 133 -3.69 12.05 -10.96
CA ARG A 133 -4.80 12.99 -11.12
C ARG A 133 -4.37 14.14 -12.03
N ARG A 134 -3.11 14.56 -11.92
CA ARG A 134 -2.58 15.62 -12.75
C ARG A 134 -2.46 15.26 -14.25
N ILE A 135 -1.89 14.10 -14.54
CA ILE A 135 -1.63 13.66 -15.91
C ILE A 135 -2.90 13.14 -16.55
N GLY A 136 -3.80 12.61 -15.75
CA GLY A 136 -5.03 12.03 -16.23
C GLY A 136 -5.00 10.52 -16.19
N ARG A 137 -4.18 9.92 -17.07
CA ARG A 137 -3.91 8.48 -17.08
C ARG A 137 -2.50 8.17 -17.54
N PHE A 138 -2.04 6.96 -17.22
CA PHE A 138 -0.73 6.47 -17.62
C PHE A 138 -0.96 5.60 -18.87
N SER A 139 0.02 5.58 -19.75
CA SER A 139 0.03 4.70 -20.90
C SER A 139 0.16 3.28 -20.41
N GLU A 140 -0.21 2.33 -21.26
CA GLU A 140 -0.09 0.93 -20.88
C GLU A 140 1.33 0.55 -20.45
N PRO A 141 2.38 0.87 -21.21
CA PRO A 141 3.73 0.57 -20.73
C PRO A 141 4.09 1.20 -19.38
N HIS A 142 3.59 2.39 -19.11
CA HIS A 142 3.86 3.11 -17.85
C HIS A 142 3.16 2.36 -16.69
N ALA A 143 1.90 1.98 -16.91
CA ALA A 143 1.12 1.30 -15.89
C ALA A 143 1.66 -0.10 -15.59
N ARG A 144 2.17 -0.76 -16.62
CA ARG A 144 2.76 -2.09 -16.51
C ARG A 144 4.04 -2.10 -15.71
N PHE A 145 4.84 -1.06 -15.85
CA PHE A 145 6.04 -0.91 -15.05
C PHE A 145 5.73 -0.90 -13.53
N TYR A 146 4.75 -0.10 -13.15
CA TYR A 146 4.31 -0.04 -11.74
C TYR A 146 3.60 -1.32 -11.27
N ALA A 147 2.69 -1.85 -12.10
CA ALA A 147 2.02 -3.09 -11.80
C ALA A 147 3.00 -4.23 -11.57
N ALA A 148 4.09 -4.31 -12.32
CA ALA A 148 5.07 -5.39 -12.10
C ALA A 148 5.66 -5.37 -10.70
N GLN A 149 5.97 -4.17 -10.21
CA GLN A 149 6.50 -3.99 -8.86
C GLN A 149 5.53 -4.47 -7.80
N ILE A 150 4.24 -4.19 -7.98
CA ILE A 150 3.22 -4.69 -7.04
C ILE A 150 3.04 -6.21 -7.16
N VAL A 151 3.14 -6.77 -8.36
CA VAL A 151 3.07 -8.23 -8.47
C VAL A 151 4.16 -8.90 -7.63
N LEU A 152 5.39 -8.38 -7.69
CA LEU A 152 6.51 -9.00 -6.98
C LEU A 152 6.37 -8.76 -5.49
N THR A 153 5.90 -7.58 -5.12
CA THR A 153 5.59 -7.28 -3.70
C THR A 153 4.56 -8.22 -3.07
N PHE A 154 3.45 -8.50 -3.75
CA PHE A 154 2.43 -9.39 -3.24
C PHE A 154 2.96 -10.86 -3.24
N GLU A 155 3.76 -11.25 -4.24
CA GLU A 155 4.44 -12.55 -4.19
C GLU A 155 5.27 -12.74 -2.89
N TYR A 156 6.02 -11.72 -2.51
CA TYR A 156 6.81 -11.72 -1.28
C TYR A 156 5.89 -11.73 -0.05
N LEU A 157 4.97 -10.77 0.05
CA LEU A 157 4.13 -10.64 1.24
C LEU A 157 3.29 -11.89 1.49
N HIS A 158 2.65 -12.42 0.44
CA HIS A 158 1.76 -13.58 0.60
C HIS A 158 2.55 -14.84 1.01
N SER A 159 3.80 -14.95 0.56
CA SER A 159 4.66 -16.06 0.95
C SER A 159 4.97 -16.10 2.45
N LEU A 160 4.85 -14.96 3.11
CA LEU A 160 5.02 -14.83 4.55
C LEU A 160 3.68 -14.90 5.32
N ASP A 161 2.62 -15.36 4.66
CA ASP A 161 1.26 -15.43 5.24
C ASP A 161 0.67 -14.06 5.60
N LEU A 162 1.07 -13.01 4.88
CA LEU A 162 0.55 -11.67 5.09
C LEU A 162 -0.48 -11.29 4.04
N ILE A 163 -1.55 -10.61 4.46
CA ILE A 163 -2.47 -9.94 3.55
C ILE A 163 -2.31 -8.46 3.74
N TYR A 164 -2.36 -7.68 2.66
CA TYR A 164 -2.04 -6.25 2.72
C TYR A 164 -3.34 -5.42 2.90
N ARG A 165 -4.33 -5.62 2.02
CA ARG A 165 -5.69 -5.09 2.25
C ARG A 165 -5.94 -3.57 2.08
N ASP A 166 -4.96 -2.79 1.66
CA ASP A 166 -5.25 -1.39 1.36
C ASP A 166 -4.53 -0.83 0.13
N LEU A 167 -4.41 -1.63 -0.91
CA LEU A 167 -3.79 -1.15 -2.15
C LEU A 167 -4.66 -0.05 -2.77
N LYS A 168 -4.03 1.09 -3.06
CA LYS A 168 -4.60 2.24 -3.78
C LYS A 168 -3.48 3.24 -4.11
N PRO A 169 -3.66 4.06 -5.14
CA PRO A 169 -2.62 5.03 -5.52
C PRO A 169 -2.17 5.99 -4.39
N GLU A 170 -3.04 6.29 -3.43
CA GLU A 170 -2.69 7.14 -2.28
C GLU A 170 -1.60 6.55 -1.41
N ASN A 171 -1.48 5.21 -1.41
CA ASN A 171 -0.50 4.51 -0.55
C ASN A 171 0.78 4.10 -1.23
N LEU A 172 0.98 4.53 -2.47
CA LEU A 172 2.18 4.23 -3.23
C LEU A 172 2.96 5.53 -3.44
N LEU A 173 4.22 5.60 -2.99
CA LEU A 173 5.04 6.77 -3.17
C LEU A 173 6.09 6.48 -4.24
N ILE A 174 6.53 7.53 -4.93
CA ILE A 174 7.52 7.39 -6.01
C ILE A 174 8.85 7.88 -5.43
N ASP A 175 9.89 7.06 -5.59
CA ASP A 175 11.22 7.42 -5.12
C ASP A 175 12.01 8.23 -6.17
N GLN A 176 13.23 8.60 -5.83
CA GLN A 176 14.11 9.36 -6.71
C GLN A 176 14.46 8.67 -8.03
N GLN A 177 14.44 7.35 -8.06
CA GLN A 177 14.67 6.60 -9.29
C GLN A 177 13.40 6.31 -10.09
N GLY A 178 12.25 6.78 -9.60
CA GLY A 178 10.98 6.53 -10.27
C GLY A 178 10.33 5.19 -9.93
N TYR A 179 10.88 4.44 -8.96
CA TYR A 179 10.27 3.21 -8.50
C TYR A 179 9.24 3.47 -7.35
N ILE A 180 8.39 2.49 -7.10
CA ILE A 180 7.31 2.52 -6.11
C ILE A 180 7.82 2.08 -4.75
N GLN A 181 7.33 2.72 -3.68
CA GLN A 181 7.41 2.21 -2.34
C GLN A 181 6.02 2.14 -1.74
N VAL A 182 5.67 0.99 -1.20
CA VAL A 182 4.38 0.77 -0.57
C VAL A 182 4.52 1.20 0.87
N THR A 183 3.59 2.07 1.30
CA THR A 183 3.50 2.47 2.67
C THR A 183 2.08 2.12 3.25
N ASP A 184 1.85 2.54 4.47
CA ASP A 184 0.65 2.23 5.18
C ASP A 184 0.30 0.73 5.27
N PHE A 185 0.72 0.14 6.38
CA PHE A 185 0.47 -1.26 6.68
C PHE A 185 -0.57 -1.37 7.78
N GLY A 186 -1.39 -0.31 7.93
CA GLY A 186 -2.40 -0.24 8.98
C GLY A 186 -3.40 -1.38 9.03
N PHE A 187 -3.72 -2.00 7.88
CA PHE A 187 -4.61 -3.17 7.84
C PHE A 187 -3.92 -4.49 7.47
N ALA A 188 -2.60 -4.55 7.41
CA ALA A 188 -1.87 -5.79 7.12
C ALA A 188 -1.98 -6.75 8.30
N LYS A 189 -2.08 -8.05 8.02
CA LYS A 189 -2.31 -9.07 9.04
C LYS A 189 -1.62 -10.34 8.63
N ARG A 190 -1.03 -11.00 9.59
CA ARG A 190 -0.45 -12.34 9.38
C ARG A 190 -1.47 -13.39 9.86
N VAL A 191 -2.01 -14.17 8.92
CA VAL A 191 -3.05 -15.14 9.24
C VAL A 191 -2.94 -16.30 8.28
N LYS A 192 -3.02 -17.50 8.83
CA LYS A 192 -3.25 -18.70 8.01
C LYS A 192 -4.73 -18.97 8.13
N GLY A 193 -5.42 -19.04 7.01
CA GLY A 193 -6.85 -19.26 7.07
C GLY A 193 -7.57 -18.00 6.67
N ARG A 194 -8.84 -17.90 7.03
CA ARG A 194 -9.70 -16.85 6.55
C ARG A 194 -9.70 -15.76 7.61
N THR A 195 -10.05 -14.56 7.20
CA THR A 195 -10.25 -13.47 8.15
C THR A 195 -11.51 -12.71 7.75
N TRP A 196 -12.04 -11.87 8.63
CA TRP A 196 -13.44 -11.41 8.52
C TRP A 196 -13.65 -9.89 8.65
N TPO A 197 -12.61 -9.11 8.99
CA TPO A 197 -12.83 -7.69 9.28
CB TPO A 197 -11.56 -7.02 9.85
CG2 TPO A 197 -11.76 -5.58 10.27
OG1 TPO A 197 -11.06 -7.80 10.95
P TPO A 197 -9.60 -8.47 10.89
O1P TPO A 197 -9.58 -9.36 12.17
O2P TPO A 197 -9.68 -9.30 9.55
O3P TPO A 197 -8.54 -7.30 10.88
C TPO A 197 -13.21 -6.92 8.05
O TPO A 197 -12.66 -7.10 6.99
N LEU A 198 -14.20 -6.03 8.19
CA LEU A 198 -14.58 -5.10 7.12
C LEU A 198 -13.65 -3.89 7.17
N CYS A 199 -12.67 -3.85 6.26
CA CYS A 199 -11.71 -2.77 6.19
C CYS A 199 -11.17 -2.67 4.76
N GLY A 200 -10.63 -1.50 4.44
CA GLY A 200 -10.06 -1.18 3.15
C GLY A 200 -10.67 0.11 2.65
N THR A 201 -10.67 0.34 1.34
CA THR A 201 -11.19 1.57 0.71
C THR A 201 -12.31 1.17 -0.27
N PRO A 202 -13.48 1.84 -0.20
CA PRO A 202 -14.65 1.36 -0.95
C PRO A 202 -14.38 1.00 -2.41
N GLU A 203 -13.70 1.85 -3.16
CA GLU A 203 -13.48 1.60 -4.60
C GLU A 203 -12.69 0.32 -4.85
N TYR A 204 -11.87 -0.09 -3.88
CA TYR A 204 -10.93 -1.22 -4.02
C TYR A 204 -11.36 -2.55 -3.33
N LEU A 205 -12.48 -2.55 -2.61
CA LEU A 205 -12.94 -3.73 -1.88
C LEU A 205 -13.41 -4.87 -2.79
N ALA A 206 -12.94 -6.09 -2.51
CA ALA A 206 -13.43 -7.30 -3.21
C ALA A 206 -14.85 -7.66 -2.77
N PRO A 207 -15.63 -8.28 -3.66
CA PRO A 207 -17.03 -8.62 -3.34
C PRO A 207 -17.15 -9.50 -2.10
N GLU A 208 -16.25 -10.45 -1.86
CA GLU A 208 -16.32 -11.29 -0.66
C GLU A 208 -16.21 -10.50 0.65
N ILE A 209 -15.50 -9.36 0.63
CA ILE A 209 -15.44 -8.52 1.82
C ILE A 209 -16.82 -7.88 2.08
N ILE A 210 -17.43 -7.36 1.03
CA ILE A 210 -18.71 -6.66 1.15
C ILE A 210 -19.82 -7.62 1.60
N LEU A 211 -19.81 -8.82 1.07
CA LEU A 211 -20.84 -9.81 1.36
C LEU A 211 -20.62 -10.57 2.70
N SER A 212 -19.62 -10.14 3.50
CA SER A 212 -19.29 -10.75 4.81
C SER A 212 -19.03 -12.24 4.78
N LYS A 213 -18.23 -12.71 3.83
CA LYS A 213 -18.06 -14.12 3.57
C LYS A 213 -16.82 -14.81 4.18
N GLY A 214 -15.89 -14.07 4.76
CA GLY A 214 -14.62 -14.69 5.10
C GLY A 214 -13.75 -14.67 3.86
N TYR A 215 -12.51 -14.22 3.99
CA TYR A 215 -11.70 -14.04 2.83
C TYR A 215 -10.24 -14.25 3.11
N ASN A 216 -9.47 -14.33 2.03
CA ASN A 216 -8.06 -14.62 2.11
C ASN A 216 -7.26 -13.70 1.20
N LYS A 217 -6.02 -14.12 0.87
CA LYS A 217 -5.13 -13.30 0.07
C LYS A 217 -5.69 -12.91 -1.28
N ALA A 218 -6.73 -13.58 -1.76
CA ALA A 218 -7.26 -13.25 -3.10
C ALA A 218 -7.80 -11.84 -3.20
N VAL A 219 -8.13 -11.20 -2.07
CA VAL A 219 -8.60 -9.82 -2.07
C VAL A 219 -7.52 -8.86 -2.60
N ASP A 220 -6.25 -9.21 -2.38
CA ASP A 220 -5.17 -8.36 -2.82
C ASP A 220 -5.08 -8.42 -4.34
N TRP A 221 -5.33 -9.59 -4.93
CA TRP A 221 -5.29 -9.70 -6.40
C TRP A 221 -6.47 -8.99 -7.10
N TRP A 222 -7.65 -9.03 -6.53
CA TRP A 222 -8.74 -8.15 -6.96
C TRP A 222 -8.29 -6.67 -6.96
N ALA A 223 -7.82 -6.18 -5.82
CA ALA A 223 -7.38 -4.81 -5.73
C ALA A 223 -6.33 -4.44 -6.77
N LEU A 224 -5.44 -5.38 -7.13
CA LEU A 224 -4.46 -5.10 -8.16
C LEU A 224 -5.18 -4.84 -9.51
N GLY A 225 -6.25 -5.61 -9.81
CA GLY A 225 -7.12 -5.38 -10.97
C GLY A 225 -7.73 -3.96 -10.98
N VAL A 226 -8.24 -3.52 -9.84
CA VAL A 226 -8.73 -2.15 -9.67
C VAL A 226 -7.66 -1.13 -9.91
N LEU A 227 -6.44 -1.36 -9.36
CA LEU A 227 -5.35 -0.42 -9.50
C LEU A 227 -4.94 -0.27 -10.99
N ILE A 228 -4.77 -1.40 -11.67
CA ILE A 228 -4.37 -1.35 -13.08
C ILE A 228 -5.40 -0.61 -13.96
N TYR A 229 -6.68 -0.88 -13.74
CA TYR A 229 -7.71 -0.15 -14.41
C TYR A 229 -7.62 1.35 -14.17
N GLU A 230 -7.49 1.77 -12.90
CA GLU A 230 -7.48 3.17 -12.58
C GLU A 230 -6.28 3.86 -13.22
N MET A 231 -5.12 3.22 -13.19
CA MET A 231 -3.91 3.80 -13.76
C MET A 231 -4.07 3.98 -15.28
N ALA A 232 -4.66 2.99 -15.96
CA ALA A 232 -4.76 2.98 -17.43
C ALA A 232 -5.95 3.76 -17.98
N ALA A 233 -6.99 3.98 -17.15
CA ALA A 233 -8.18 4.70 -17.57
C ALA A 233 -8.20 6.16 -17.09
N GLY A 234 -7.69 6.38 -15.88
CA GLY A 234 -7.80 7.65 -15.18
C GLY A 234 -8.95 7.75 -14.19
N TYR A 235 -9.77 6.70 -14.12
CA TYR A 235 -10.88 6.59 -13.20
C TYR A 235 -11.02 5.10 -12.81
N PRO A 236 -11.53 4.80 -11.62
CA PRO A 236 -11.67 3.41 -11.18
C PRO A 236 -12.86 2.74 -11.88
N PRO A 237 -12.91 1.40 -11.90
CA PRO A 237 -13.99 0.71 -12.63
C PRO A 237 -15.37 0.85 -11.98
N PHE A 238 -15.40 1.13 -10.68
CA PHE A 238 -16.63 1.22 -9.93
C PHE A 238 -16.60 2.50 -9.12
N PHE A 239 -17.34 3.51 -9.57
CA PHE A 239 -17.40 4.78 -8.83
C PHE A 239 -18.81 5.34 -8.75
N ALA A 240 -19.07 6.05 -7.66
CA ALA A 240 -20.32 6.73 -7.44
C ALA A 240 -20.06 7.73 -6.32
N ASP A 241 -21.01 8.60 -6.00
CA ASP A 241 -20.78 9.62 -4.97
C ASP A 241 -20.89 9.08 -3.53
N GLN A 242 -21.55 7.94 -3.38
CA GLN A 242 -21.84 7.36 -2.07
C GLN A 242 -21.32 5.93 -2.03
N PRO A 243 -20.63 5.53 -0.97
CA PRO A 243 -20.14 4.16 -0.83
C PRO A 243 -21.13 3.04 -1.13
N ILE A 244 -22.38 3.13 -0.66
CA ILE A 244 -23.36 2.06 -0.89
C ILE A 244 -23.66 1.82 -2.36
N GLN A 245 -23.63 2.89 -3.17
CA GLN A 245 -23.82 2.78 -4.62
C GLN A 245 -22.58 2.10 -5.27
N ILE A 246 -21.40 2.39 -4.74
CA ILE A 246 -20.19 1.71 -5.18
C ILE A 246 -20.31 0.20 -4.91
N TYR A 247 -20.71 -0.17 -3.70
CA TYR A 247 -20.82 -1.58 -3.30
C TYR A 247 -21.75 -2.36 -4.21
N GLU A 248 -22.88 -1.75 -4.59
CA GLU A 248 -23.81 -2.38 -5.53
C GLU A 248 -23.17 -2.73 -6.84
N LYS A 249 -22.38 -1.82 -7.38
CA LYS A 249 -21.69 -2.07 -8.65
C LYS A 249 -20.66 -3.18 -8.55
N ILE A 250 -19.89 -3.19 -7.45
CA ILE A 250 -18.85 -4.21 -7.25
C ILE A 250 -19.45 -5.63 -7.26
N VAL A 251 -20.54 -5.84 -6.54
CA VAL A 251 -21.11 -7.20 -6.44
C VAL A 251 -21.81 -7.69 -7.73
N SER A 252 -22.33 -6.78 -8.57
CA SER A 252 -22.99 -7.14 -9.83
C SER A 252 -22.13 -7.90 -10.84
N GLY A 253 -20.82 -7.69 -10.84
CA GLY A 253 -19.98 -8.41 -11.80
C GLY A 253 -20.01 -7.86 -13.23
N LYS A 254 -20.36 -6.58 -13.36
CA LYS A 254 -20.40 -5.88 -14.65
C LYS A 254 -19.27 -4.88 -14.67
N VAL A 255 -18.35 -5.01 -15.62
CA VAL A 255 -17.29 -4.04 -15.84
C VAL A 255 -17.38 -3.59 -17.28
N ARG A 256 -17.13 -2.30 -17.51
CA ARG A 256 -16.96 -1.72 -18.84
C ARG A 256 -15.52 -1.26 -18.95
N PHE A 257 -14.88 -1.57 -20.08
CA PHE A 257 -13.53 -1.11 -20.35
C PHE A 257 -13.55 0.07 -21.33
N PRO A 258 -12.70 1.07 -21.10
CA PRO A 258 -12.51 2.14 -22.09
C PRO A 258 -12.18 1.58 -23.47
N SER A 259 -12.52 2.32 -24.52
CA SER A 259 -12.32 1.84 -25.89
C SER A 259 -10.84 1.68 -26.22
N HIS A 260 -9.96 2.46 -25.59
CA HIS A 260 -8.52 2.42 -25.89
C HIS A 260 -7.68 1.30 -25.20
N PHE A 261 -8.29 0.51 -24.29
CA PHE A 261 -7.62 -0.62 -23.63
C PHE A 261 -7.30 -1.68 -24.68
N SER A 262 -6.08 -2.18 -24.68
CA SER A 262 -5.69 -3.26 -25.60
C SER A 262 -6.43 -4.53 -25.25
N SER A 263 -6.57 -5.46 -26.20
CA SER A 263 -7.33 -6.68 -25.92
C SER A 263 -6.64 -7.54 -24.85
N ASP A 264 -5.32 -7.54 -24.82
CA ASP A 264 -4.58 -8.22 -23.77
C ASP A 264 -4.81 -7.61 -22.36
N LEU A 265 -4.93 -6.29 -22.25
CA LEU A 265 -5.18 -5.67 -20.94
C LEU A 265 -6.57 -6.08 -20.48
N LYS A 266 -7.53 -6.02 -21.39
CA LYS A 266 -8.88 -6.40 -21.07
C LYS A 266 -8.95 -7.82 -20.54
N ASP A 267 -8.12 -8.70 -21.09
CA ASP A 267 -8.19 -10.12 -20.77
C ASP A 267 -7.61 -10.40 -19.38
N LEU A 268 -6.50 -9.74 -19.07
CA LEU A 268 -5.94 -9.75 -17.75
C LEU A 268 -6.94 -9.24 -16.73
N LEU A 269 -7.57 -8.10 -17.00
CA LEU A 269 -8.50 -7.49 -16.04
C LEU A 269 -9.78 -8.29 -15.85
N ARG A 270 -10.25 -8.98 -16.89
CA ARG A 270 -11.42 -9.85 -16.69
C ARG A 270 -11.06 -10.98 -15.71
N ASN A 271 -9.81 -11.43 -15.74
CA ASN A 271 -9.39 -12.52 -14.86
C ASN A 271 -9.02 -12.08 -13.44
N LEU A 272 -8.62 -10.82 -13.25
CA LEU A 272 -8.33 -10.30 -11.91
C LEU A 272 -9.62 -9.82 -11.24
N LEU A 273 -10.51 -9.23 -12.03
CA LEU A 273 -11.79 -8.75 -11.53
C LEU A 273 -12.90 -9.82 -11.63
N GLN A 274 -12.55 -11.04 -11.27
CA GLN A 274 -13.47 -12.17 -11.26
C GLN A 274 -14.14 -12.25 -9.90
N VAL A 275 -15.46 -12.15 -9.90
CA VAL A 275 -16.26 -12.18 -8.70
C VAL A 275 -16.17 -13.52 -7.97
N ASP A 276 -16.10 -14.60 -8.76
CA ASP A 276 -15.99 -15.97 -8.25
C ASP A 276 -14.53 -16.30 -7.88
N LEU A 277 -14.29 -16.49 -6.60
CA LEU A 277 -12.97 -16.81 -6.02
C LEU A 277 -12.13 -17.86 -6.71
N THR A 278 -12.78 -18.90 -7.24
CA THR A 278 -12.09 -20.06 -7.76
C THR A 278 -11.82 -19.93 -9.24
N LYS A 279 -12.14 -18.76 -9.79
CA LYS A 279 -11.75 -18.43 -11.15
C LYS A 279 -10.76 -17.25 -11.17
N ARG A 280 -10.50 -16.62 -10.02
CA ARG A 280 -9.68 -15.40 -10.01
C ARG A 280 -8.19 -15.67 -10.11
N PHE A 281 -7.56 -15.04 -11.07
CA PHE A 281 -6.11 -15.08 -11.18
C PHE A 281 -5.45 -14.67 -9.86
N GLY A 282 -4.34 -15.36 -9.56
CA GLY A 282 -3.67 -15.30 -8.29
C GLY A 282 -4.10 -16.34 -7.29
N ASN A 283 -5.32 -16.86 -7.45
CA ASN A 283 -5.92 -17.83 -6.52
C ASN A 283 -6.13 -19.23 -7.12
N LEU A 284 -5.60 -19.48 -8.31
CA LEU A 284 -5.71 -20.80 -8.96
C LEU A 284 -4.49 -21.65 -8.59
N LYS A 285 -4.36 -22.83 -9.17
CA LYS A 285 -3.27 -23.76 -8.83
C LYS A 285 -1.88 -23.20 -9.16
N ASN A 286 -1.74 -22.48 -10.28
CA ASN A 286 -0.43 -21.95 -10.65
C ASN A 286 -0.08 -20.66 -9.88
N GLY A 287 -0.97 -20.21 -9.01
CA GLY A 287 -0.71 -19.07 -8.13
C GLY A 287 -0.37 -17.79 -8.89
N VAL A 288 0.70 -17.14 -8.45
CA VAL A 288 1.11 -15.88 -9.03
C VAL A 288 1.57 -16.06 -10.47
N ASN A 289 1.97 -17.28 -10.83
CA ASN A 289 2.50 -17.49 -12.18
C ASN A 289 1.48 -17.32 -13.30
N ASP A 290 0.18 -17.47 -13.02
CA ASP A 290 -0.85 -17.14 -14.02
C ASP A 290 -0.78 -15.65 -14.40
N ILE A 291 -0.41 -14.80 -13.44
CA ILE A 291 -0.28 -13.36 -13.71
C ILE A 291 1.05 -13.07 -14.41
N LYS A 292 2.16 -13.59 -13.90
CA LYS A 292 3.46 -13.25 -14.48
C LYS A 292 3.62 -13.76 -15.93
N ASN A 293 2.93 -14.85 -16.28
CA ASN A 293 3.01 -15.43 -17.61
C ASN A 293 1.92 -14.95 -18.57
N HIS A 294 1.09 -14.01 -18.14
CA HIS A 294 0.01 -13.53 -19.01
C HIS A 294 0.57 -12.68 -20.14
N LYS A 295 -0.11 -12.70 -21.28
CA LYS A 295 0.37 -11.98 -22.48
C LYS A 295 0.68 -10.49 -22.23
N TRP A 296 -0.14 -9.81 -21.43
CA TRP A 296 0.11 -8.39 -21.13
C TRP A 296 1.50 -8.13 -20.56
N PHE A 297 2.06 -9.11 -19.87
CA PHE A 297 3.38 -8.98 -19.25
C PHE A 297 4.52 -9.66 -20.05
N ALA A 298 4.31 -9.97 -21.33
CA ALA A 298 5.31 -10.75 -22.11
C ALA A 298 6.67 -10.04 -22.27
N THR A 299 6.67 -8.71 -22.32
CA THR A 299 7.91 -7.93 -22.43
C THR A 299 8.58 -7.64 -21.08
N THR A 300 7.97 -8.05 -19.97
CA THR A 300 8.49 -7.71 -18.66
C THR A 300 9.62 -8.65 -18.25
N ASP A 301 10.78 -8.09 -17.95
CA ASP A 301 11.89 -8.82 -17.35
C ASP A 301 11.79 -8.72 -15.81
N TRP A 302 11.23 -9.75 -15.19
CA TRP A 302 10.88 -9.74 -13.76
C TRP A 302 12.08 -9.55 -12.88
N ILE A 303 13.19 -10.19 -13.23
CA ILE A 303 14.41 -10.08 -12.47
C ILE A 303 15.03 -8.68 -12.57
N ALA A 304 15.03 -8.11 -13.77
CA ALA A 304 15.48 -6.73 -13.97
C ALA A 304 14.63 -5.70 -13.16
N ILE A 305 13.31 -5.92 -13.08
CA ILE A 305 12.44 -5.04 -12.27
C ILE A 305 12.87 -5.12 -10.79
N TYR A 306 13.01 -6.34 -10.26
CA TYR A 306 13.47 -6.58 -8.89
C TYR A 306 14.83 -5.90 -8.58
N GLN A 307 15.79 -6.04 -9.49
CA GLN A 307 17.14 -5.46 -9.33
C GLN A 307 17.20 -3.97 -9.64
N ARG A 308 16.08 -3.38 -10.07
CA ARG A 308 15.93 -1.95 -10.36
C ARG A 308 16.84 -1.48 -11.52
N LYS A 309 16.87 -2.28 -12.59
CA LYS A 309 17.77 -2.01 -13.72
C LYS A 309 17.03 -1.48 -14.92
N VAL A 310 15.70 -1.39 -14.84
CA VAL A 310 14.87 -0.81 -15.91
C VAL A 310 14.75 0.70 -15.67
N GLU A 311 14.95 1.49 -16.73
CA GLU A 311 14.81 2.94 -16.66
C GLU A 311 13.35 3.25 -16.46
N ALA A 312 13.05 4.07 -15.48
CA ALA A 312 11.68 4.39 -15.16
C ALA A 312 11.11 5.35 -16.20
N PRO A 313 9.81 5.30 -16.47
CA PRO A 313 9.21 6.18 -17.49
C PRO A 313 9.07 7.62 -17.01
N PHE A 314 9.12 7.82 -15.70
CA PHE A 314 8.90 9.12 -15.08
C PHE A 314 9.80 9.26 -13.84
N ILE A 315 10.57 10.34 -13.76
CA ILE A 315 11.40 10.59 -12.58
C ILE A 315 11.00 11.94 -12.02
N PRO A 316 10.60 12.01 -10.76
CA PRO A 316 10.04 13.24 -10.23
C PRO A 316 11.18 14.24 -9.99
N LYS A 317 10.83 15.52 -9.95
CA LYS A 317 11.80 16.59 -9.80
C LYS A 317 12.10 16.79 -8.31
N PHE A 318 13.38 16.85 -7.97
CA PHE A 318 13.83 16.85 -6.58
C PHE A 318 14.96 17.87 -6.43
N LYS A 319 14.68 18.98 -5.76
CA LYS A 319 15.65 20.07 -5.62
C LYS A 319 16.33 20.02 -4.26
N GLY A 320 17.12 18.97 -4.03
CA GLY A 320 17.95 18.85 -2.83
C GLY A 320 17.30 18.10 -1.67
N PRO A 321 18.09 17.56 -0.73
CA PRO A 321 17.53 16.88 0.45
C PRO A 321 16.64 17.81 1.26
N GLY A 322 15.55 17.28 1.81
CA GLY A 322 14.61 18.07 2.58
C GLY A 322 13.52 18.75 1.75
N ASP A 323 13.53 18.57 0.43
CA ASP A 323 12.58 19.21 -0.45
C ASP A 323 11.20 18.51 -0.34
N THR A 324 10.15 19.28 -0.10
CA THR A 324 8.79 18.74 -0.01
C THR A 324 7.84 19.17 -1.13
N SER A 325 8.36 19.72 -2.21
CA SER A 325 7.50 20.32 -3.25
C SER A 325 6.59 19.32 -3.97
N ASN A 326 6.83 18.01 -3.80
CA ASN A 326 5.95 16.99 -4.39
C ASN A 326 4.77 16.56 -3.50
N PHE A 327 4.64 17.21 -2.34
CA PHE A 327 3.56 16.98 -1.40
C PHE A 327 2.74 18.24 -1.25
N ASP A 328 1.48 18.09 -0.85
CA ASP A 328 0.61 19.24 -0.58
C ASP A 328 0.94 19.87 0.75
N ASP A 329 0.40 21.05 1.00
CA ASP A 329 0.58 21.75 2.27
C ASP A 329 -0.61 21.48 3.15
N TYR A 330 -0.35 21.46 4.45
CA TYR A 330 -1.31 21.11 5.49
C TYR A 330 -1.08 22.06 6.65
N GLU A 331 -2.06 22.15 7.54
CA GLU A 331 -1.99 23.05 8.70
C GLU A 331 -1.13 22.47 9.82
N GLU A 332 -0.20 23.25 10.38
CA GLU A 332 0.73 22.73 11.41
C GLU A 332 0.15 22.79 12.83
N GLU A 333 0.07 21.62 13.49
CA GLU A 333 -0.43 21.46 14.87
C GLU A 333 0.73 21.11 15.80
N GLU A 334 0.71 21.63 17.03
CA GLU A 334 1.70 21.26 18.03
C GLU A 334 1.49 19.82 18.50
N ILE A 335 2.59 19.12 18.79
CA ILE A 335 2.55 17.78 19.36
C ILE A 335 2.40 17.93 20.87
N ARG A 336 1.27 17.49 21.42
CA ARG A 336 1.02 17.53 22.86
C ARG A 336 1.41 16.19 23.51
N VAL A 337 2.22 16.26 24.56
CA VAL A 337 2.61 15.09 25.37
C VAL A 337 2.16 15.31 26.82
N SEP A 338 1.20 14.51 27.25
CA SEP A 338 0.60 14.59 28.58
CB SEP A 338 -0.64 13.68 28.61
OG SEP A 338 -1.25 13.57 29.88
C SEP A 338 1.61 14.23 29.68
O SEP A 338 2.63 13.57 29.40
P SEP A 338 -2.26 14.77 30.31
O1P SEP A 338 -3.16 15.29 29.09
O2P SEP A 338 -3.18 14.15 31.45
O3P SEP A 338 -1.24 15.89 30.83
N ILE A 339 1.37 14.68 30.92
CA ILE A 339 2.22 14.29 32.06
C ILE A 339 1.83 12.94 32.65
N ASN A 340 0.66 12.45 32.29
CA ASN A 340 0.22 11.12 32.69
C ASN A 340 0.21 10.18 31.49
N GLU A 341 0.56 8.92 31.75
CA GLU A 341 0.62 7.89 30.72
C GLU A 341 -0.77 7.40 30.30
N LYS A 342 -1.02 7.32 29.01
CA LYS A 342 -2.32 6.94 28.50
C LYS A 342 -2.26 5.56 27.88
N CYS A 343 -3.25 4.73 28.19
CA CYS A 343 -3.42 3.43 27.53
C CYS A 343 -2.12 2.60 27.55
N GLY A 344 -1.48 2.53 28.72
CA GLY A 344 -0.23 1.81 28.88
C GLY A 344 -0.33 0.33 28.59
N LYS A 345 -1.32 -0.34 29.21
CA LYS A 345 -1.49 -1.78 29.03
C LYS A 345 -1.76 -2.16 27.57
N GLU A 346 -2.59 -1.38 26.91
CA GLU A 346 -3.06 -1.70 25.58
C GLU A 346 -1.91 -1.76 24.57
N PHE A 347 -0.91 -0.90 24.74
CA PHE A 347 0.20 -0.77 23.80
C PHE A 347 1.54 -1.25 24.40
N SER A 348 1.44 -2.14 25.39
CA SER A 348 2.58 -2.73 26.07
C SER A 348 3.64 -3.27 25.10
N GLU A 349 3.25 -4.02 24.07
CA GLU A 349 4.27 -4.65 23.22
C GLU A 349 4.83 -3.75 22.11
N PHE A 350 4.21 -2.60 21.86
CA PHE A 350 4.68 -1.66 20.84
C PHE A 350 6.11 -1.16 21.21
N THR B 1 -18.70 11.93 -21.54
CA THR B 1 -17.75 10.79 -21.41
C THR B 1 -17.65 10.38 -19.95
N THR B 2 -17.24 9.14 -19.74
CA THR B 2 -17.10 8.60 -18.41
C THR B 2 -16.03 9.36 -17.57
N TYR B 3 -14.94 9.75 -18.19
CA TYR B 3 -13.92 10.51 -17.47
C TYR B 3 -14.44 11.87 -16.99
N ALA B 4 -15.21 12.56 -17.85
CA ALA B 4 -15.86 13.82 -17.48
C ALA B 4 -16.83 13.61 -16.32
N ASP B 5 -17.55 12.49 -16.32
CA ASP B 5 -18.46 12.19 -15.25
C ASP B 5 -17.65 12.01 -13.93
N PHE B 6 -16.51 11.32 -14.00
CA PHE B 6 -15.68 11.08 -12.83
C PHE B 6 -15.12 12.37 -12.24
N ILE B 7 -14.57 13.25 -13.05
CA ILE B 7 -13.92 14.45 -12.53
C ILE B 7 -14.89 15.48 -11.96
N ALA B 8 -16.17 15.36 -12.29
CA ALA B 8 -17.24 16.14 -11.66
C ALA B 8 -17.89 15.47 -10.44
N SER B 9 -17.49 14.24 -10.12
CA SER B 9 -18.04 13.47 -8.99
C SER B 9 -17.49 13.90 -7.63
N GLY B 10 -18.07 13.35 -6.55
CA GLY B 10 -17.74 13.74 -5.19
C GLY B 10 -16.56 12.96 -4.65
N ARG B 11 -16.04 12.02 -5.46
CA ARG B 11 -14.85 11.33 -4.98
C ARG B 11 -13.56 11.32 -5.81
N THR B 12 -13.06 12.50 -6.17
CA THR B 12 -11.82 12.62 -6.93
C THR B 12 -10.60 12.91 -6.05
N GLY B 13 -10.84 13.28 -4.79
CA GLY B 13 -9.75 13.52 -3.87
C GLY B 13 -9.26 12.24 -3.21
N ARG B 14 -8.34 12.40 -2.27
CA ARG B 14 -7.81 11.27 -1.52
C ARG B 14 -8.94 10.54 -0.80
N ARG B 15 -8.94 9.20 -0.91
CA ARG B 15 -10.01 8.40 -0.36
C ARG B 15 -9.56 7.79 0.98
N ASN B 16 -10.32 8.03 2.02
CA ASN B 16 -10.07 7.39 3.32
C ASN B 16 -10.56 5.96 3.35
N ALA B 17 -9.87 5.17 4.15
CA ALA B 17 -10.28 3.82 4.51
C ALA B 17 -11.55 3.84 5.33
N ILE B 18 -12.32 2.76 5.24
CA ILE B 18 -13.42 2.52 6.16
C ILE B 18 -13.00 1.39 7.13
N HIS B 19 -13.81 1.21 8.16
CA HIS B 19 -13.62 0.09 9.10
C HIS B 19 -14.88 -0.18 9.95
N ASP B 20 -14.90 -1.35 10.60
CA ASP B 20 -16.01 -1.78 11.48
C ASP B 20 -16.06 -0.87 12.71
O1 H52 C . 2.42 11.28 4.62
S5 H52 C . 2.41 10.09 3.72
O2 H52 C . 2.55 10.32 2.28
N21 H52 C . 1.02 9.12 3.87
C22 H52 C . 0.44 8.58 2.56
C2M H52 C . 1.25 7.44 1.95
C23 H52 C . -1.04 8.18 2.58
N24 H52 C . -1.85 9.44 2.78
C25 H52 C . -2.14 9.62 4.27
C26 H52 C . -0.92 10.11 5.07
C27 H52 C . 0.19 9.07 5.09
C5 H52 C . 3.81 9.06 4.14
C10 H52 C . 5.21 9.26 3.73
C4 H52 C . 5.82 10.35 2.99
CM H52 C . 5.16 11.59 2.48
C9 H52 C . 6.14 8.25 4.12
C8 H52 C . 5.71 7.11 4.87
C7 H52 C . 4.40 6.96 5.22
C6 H52 C . 3.44 7.92 4.83
C1 H52 C . 7.52 8.34 3.76
N2 H52 C . 7.98 9.32 3.04
C3 H52 C . 7.17 10.34 2.68
O1 H52 D . -7.57 -8.18 15.20
S5 H52 D . -8.18 -9.44 15.65
O2 H52 D . -7.85 -10.67 14.88
N21 H52 D . -9.85 -9.27 15.76
C22 H52 D . -10.74 -10.38 15.28
C2M H52 D . -11.02 -11.46 16.35
C23 H52 D . -12.05 -9.86 14.67
N24 H52 D . -11.84 -8.78 13.64
C25 H52 D . -11.87 -7.39 14.24
C26 H52 D . -10.65 -7.01 15.11
C27 H52 D . -10.42 -7.98 16.29
C5 H52 D . -7.61 -9.63 17.35
C10 H52 D . -6.24 -9.64 17.79
C4 H52 D . -5.03 -9.58 16.99
CM H52 D . -4.90 -9.54 15.49
C9 H52 D . -5.98 -9.72 19.20
C8 H52 D . -7.03 -9.79 20.14
C7 H52 D . -8.32 -9.77 19.71
C6 H52 D . -8.59 -9.71 18.32
C1 H52 D . -4.66 -9.71 19.72
N2 H52 D . -3.62 -9.64 18.94
C3 H52 D . -3.80 -9.58 17.60
C1 MG8 E . 17.86 -13.44 -7.95
C2 MG8 E . 16.42 -13.92 -7.76
C3 MG8 E . 15.52 -12.84 -7.18
C4 MG8 E . 14.04 -13.14 -7.44
C5 MG8 E . 13.11 -12.06 -6.89
C6 MG8 E . 11.69 -12.59 -6.68
C7 MG8 E . 10.90 -11.71 -5.71
C8 MG8 E . 9.53 -12.27 -5.37
#